data_3HB2
#
_entry.id   3HB2
#
_cell.length_a   102.407
_cell.length_b   102.407
_cell.length_c   121.035
_cell.angle_alpha   90.000
_cell.angle_beta   90.000
_cell.angle_gamma   120.000
#
_symmetry.space_group_name_H-M   'P 31 2 1'
#
loop_
_entity.id
_entity.type
_entity.pdbx_description
1 polymer 'Secreted protease C'
2 non-polymer 'CALCIUM ION'
3 non-polymer 'ZINC ION'
4 non-polymer 'CHLORIDE ION'
5 water water
#
_entity_poly.entity_id   1
_entity_poly.type   'polypeptide(L)'
_entity_poly.pdbx_seq_one_letter_code
;ANTSSAYNSVYDFLRYHDRGDGLTVNGKTSYSIDQAAAQITRENVSWNGTNVFGKSANLTFKFLQSVSSIPSGDTGFVKF
NAEQIEQAKLSLQSWSDVANLTFTEVTGNKSANITFGNYTRDASGNLDYGTQAYAYYPGNYQGAGSSWYNYNQSNIRNPG
SEEYGRQTFTHAIGHALGLAHPGEYNAGEGDPSYNDAVYAEDSYQFSIISYWGENETGADYNGHYGGAPMIDDIAAIQRL
YGANMTTRTGDSVYGFNSNTDRDFYTATDSSKALIFSVWDAGGTDTFDFSGYSNNQRINLNEGSFSDVGGLKGNVSIAHG
VTIENAIGGSGNDILVGNSADNILQGGAGNDVLYGGAGADTLYGGAGRDTFVYGSGQDSTVAAYDWIADFQKGIDKIDLS
AFRNEGQLSFVQDQFTGKGQEVMLQWDAANSITNLWLHEAGHSSVDFLVRIVGQAAQSDIIV
;
_entity_poly.pdbx_strand_id   P
#
loop_
_chem_comp.id
_chem_comp.type
_chem_comp.name
_chem_comp.formula
CA non-polymer 'CALCIUM ION' 'Ca 2'
CL non-polymer 'CHLORIDE ION' 'Cl -1'
ZN non-polymer 'ZINC ION' 'Zn 2'
#
# COMPACT_ATOMS: atom_id res chain seq x y z
N ALA A 1 28.26 8.39 10.41
CA ALA A 1 28.44 9.49 11.36
C ALA A 1 27.32 9.44 12.39
N ASN A 2 27.47 10.15 13.51
CA ASN A 2 26.39 10.20 14.47
C ASN A 2 25.30 11.12 13.87
N THR A 3 24.15 10.58 13.52
CA THR A 3 23.11 11.42 12.99
C THR A 3 22.00 11.56 14.03
N SER A 4 21.09 12.50 13.83
CA SER A 4 20.06 12.78 14.82
C SER A 4 19.06 11.65 14.92
N SER A 5 18.32 11.64 16.00
CA SER A 5 17.26 10.64 16.07
C SER A 5 16.14 10.86 15.01
N ALA A 6 15.89 12.10 14.60
CA ALA A 6 14.91 12.34 13.52
C ALA A 6 15.39 11.72 12.22
N TYR A 7 16.66 11.91 11.89
CA TYR A 7 17.17 11.30 10.66
C TYR A 7 17.15 9.76 10.77
N ASN A 8 17.61 9.23 11.90
CA ASN A 8 17.58 7.79 12.09
C ASN A 8 16.19 7.25 11.94
N SER A 9 15.18 8.02 12.34
CA SER A 9 13.82 7.47 12.26
C SER A 9 13.36 7.38 10.80
N VAL A 10 13.88 8.30 9.99
CA VAL A 10 13.58 8.28 8.55
C VAL A 10 14.34 7.12 7.91
N TYR A 11 15.62 7.04 8.23
CA TYR A 11 16.48 5.99 7.67
C TYR A 11 15.88 4.60 7.94
N ASP A 12 15.49 4.34 9.19
CA ASP A 12 14.87 3.06 9.54
C ASP A 12 13.53 2.81 8.86
N PHE A 13 12.68 3.83 8.81
CA PHE A 13 11.32 3.63 8.28
C PHE A 13 11.42 3.37 6.77
N LEU A 14 12.39 3.99 6.11
CA LEU A 14 12.61 3.69 4.70
C LEU A 14 12.93 2.21 4.44
N ARG A 15 13.47 1.53 5.45
CA ARG A 15 13.83 0.09 5.37
C ARG A 15 12.82 -0.85 6.02
N TYR A 16 11.66 -0.32 6.40
CA TYR A 16 10.62 -1.14 7.03
C TYR A 16 10.19 -2.23 6.06
N HIS A 17 10.12 -3.46 6.55
CA HIS A 17 9.71 -4.61 5.71
C HIS A 17 10.56 -4.76 4.46
N ASP A 18 11.86 -4.41 4.57
CA ASP A 18 12.76 -4.74 3.48
C ASP A 18 12.58 -6.24 3.09
N ARG A 19 12.77 -6.55 1.82
CA ARG A 19 12.49 -7.91 1.34
C ARG A 19 13.37 -8.27 0.16
N GLY A 20 13.51 -9.57 -0.09
CA GLY A 20 14.21 -10.04 -1.27
C GLY A 20 15.70 -9.98 -0.99
N ASP A 21 16.53 -9.93 -2.03
CA ASP A 21 17.95 -9.58 -1.90
C ASP A 21 18.70 -10.44 -0.89
N GLY A 22 18.38 -11.72 -0.84
CA GLY A 22 19.13 -12.61 0.04
C GLY A 22 18.94 -12.37 1.53
N LEU A 23 17.87 -11.66 1.90
CA LEU A 23 17.48 -11.54 3.30
C LEU A 23 16.79 -12.80 3.77
N THR A 24 16.84 -13.00 5.10
CA THR A 24 16.06 -14.03 5.78
C THR A 24 15.14 -13.30 6.74
N VAL A 25 13.84 -13.64 6.72
CA VAL A 25 12.89 -13.01 7.63
C VAL A 25 12.08 -14.10 8.29
N ASN A 26 11.89 -14.01 9.60
CA ASN A 26 11.20 -15.06 10.34
C ASN A 26 11.79 -16.43 10.08
N GLY A 27 13.10 -16.47 9.81
CA GLY A 27 13.78 -17.74 9.55
C GLY A 27 13.47 -18.35 8.19
N LYS A 28 12.77 -17.60 7.34
CA LYS A 28 12.40 -18.06 6.00
C LYS A 28 13.11 -17.22 4.90
N THR A 29 13.19 -17.77 3.69
CA THR A 29 13.74 -17.02 2.58
C THR A 29 12.77 -15.84 2.36
N SER A 30 13.33 -14.66 2.09
CA SER A 30 12.50 -13.48 1.79
C SER A 30 12.43 -13.31 0.29
N TYR A 31 11.22 -13.15 -0.24
CA TYR A 31 11.01 -12.96 -1.66
C TYR A 31 10.72 -11.49 -1.94
N SER A 32 11.21 -11.03 -3.09
CA SER A 32 10.81 -9.74 -3.67
C SER A 32 9.34 -9.78 -4.09
N ILE A 33 8.77 -8.61 -4.35
CA ILE A 33 7.41 -8.56 -4.92
C ILE A 33 7.31 -9.50 -6.13
N ASP A 34 8.30 -9.44 -7.04
CA ASP A 34 8.18 -10.22 -8.28
C ASP A 34 8.34 -11.72 -8.02
N GLN A 35 9.18 -12.07 -7.06
CA GLN A 35 9.33 -13.49 -6.74
C GLN A 35 8.05 -14.01 -6.14
N ALA A 36 7.43 -13.18 -5.31
CA ALA A 36 6.18 -13.58 -4.66
C ALA A 36 5.11 -13.72 -5.74
N ALA A 37 5.12 -12.77 -6.68
CA ALA A 37 4.14 -12.79 -7.78
C ALA A 37 4.29 -14.05 -8.63
N ALA A 38 5.53 -14.43 -8.94
CA ALA A 38 5.76 -15.67 -9.70
C ALA A 38 5.31 -16.92 -8.94
N GLN A 39 5.49 -16.89 -7.62
CA GLN A 39 5.08 -18.00 -6.79
C GLN A 39 3.55 -18.10 -6.76
N ILE A 40 2.87 -16.97 -6.61
CA ILE A 40 1.40 -16.97 -6.62
C ILE A 40 0.86 -17.41 -7.99
N THR A 41 1.58 -17.13 -9.07
CA THR A 41 1.09 -17.55 -10.40
C THR A 41 1.75 -18.86 -10.86
N ARG A 42 2.28 -19.64 -9.91
CA ARG A 42 3.12 -20.79 -10.33
C ARG A 42 2.34 -21.84 -11.13
N GLU A 43 1.01 -21.87 -11.00
CA GLU A 43 0.23 -22.87 -11.76
C GLU A 43 0.23 -22.52 -13.25
N ASN A 44 0.66 -21.29 -13.55
CA ASN A 44 0.75 -20.82 -14.92
C ASN A 44 -0.54 -21.11 -15.69
N VAL A 45 -1.64 -20.63 -15.12
CA VAL A 45 -2.92 -20.80 -15.77
C VAL A 45 -3.66 -19.48 -15.69
N SER A 46 -4.44 -19.20 -16.71
CA SER A 46 -5.26 -17.99 -16.67
C SER A 46 -6.37 -18.30 -17.64
N TRP A 47 -7.30 -17.36 -17.75
CA TRP A 47 -8.39 -17.53 -18.72
C TRP A 47 -7.91 -17.51 -20.15
N ASN A 48 -6.66 -17.08 -20.35
CA ASN A 48 -6.13 -17.11 -21.74
C ASN A 48 -5.40 -18.41 -22.09
N GLY A 49 -5.29 -19.32 -21.13
CA GLY A 49 -4.69 -20.61 -21.35
C GLY A 49 -3.51 -20.86 -20.43
N THR A 50 -2.63 -21.78 -20.81
CA THR A 50 -1.52 -22.12 -19.94
C THR A 50 -0.27 -21.45 -20.45
N ASN A 51 0.54 -20.90 -19.54
CA ASN A 51 1.74 -20.17 -19.92
C ASN A 51 1.51 -18.99 -20.82
N VAL A 52 0.38 -18.33 -20.60
CA VAL A 52 0.06 -17.15 -21.37
C VAL A 52 0.13 -15.97 -20.39
N PHE A 53 1.07 -15.06 -20.62
CA PHE A 53 1.28 -13.90 -19.71
C PHE A 53 1.07 -12.55 -20.33
N GLY A 54 0.74 -11.57 -19.48
CA GLY A 54 0.56 -10.21 -19.93
C GLY A 54 -0.55 -10.06 -20.95
N LYS A 55 -1.58 -10.91 -20.93
CA LYS A 55 -2.64 -10.79 -21.93
C LYS A 55 -3.99 -10.48 -21.29
N SER A 56 -4.66 -9.45 -21.76
CA SER A 56 -5.91 -9.00 -21.16
C SER A 56 -7.03 -10.05 -21.33
N ALA A 57 -8.12 -9.87 -20.59
CA ALA A 57 -9.25 -10.77 -20.82
C ALA A 57 -10.57 -10.09 -20.58
N ASN A 58 -11.58 -10.51 -21.33
CA ASN A 58 -12.95 -10.04 -21.07
C ASN A 58 -13.73 -11.23 -20.58
N LEU A 59 -14.22 -11.16 -19.34
CA LEU A 59 -14.79 -12.35 -18.68
C LEU A 59 -16.25 -12.09 -18.31
N THR A 60 -17.01 -13.19 -18.17
CA THR A 60 -18.40 -13.14 -17.73
C THR A 60 -18.49 -13.72 -16.31
N PHE A 61 -19.53 -13.31 -15.57
CA PHE A 61 -19.73 -13.91 -14.26
C PHE A 61 -21.20 -14.12 -14.06
N LYS A 62 -21.57 -15.04 -13.17
CA LYS A 62 -22.97 -15.35 -13.02
C LYS A 62 -23.26 -15.76 -11.56
N PHE A 63 -24.39 -15.29 -11.02
CA PHE A 63 -24.85 -15.77 -9.69
C PHE A 63 -25.81 -16.91 -9.97
N LEU A 64 -25.35 -18.12 -9.68
CA LEU A 64 -26.17 -19.28 -10.04
C LEU A 64 -27.48 -19.22 -9.24
N GLN A 65 -28.58 -19.55 -9.92
CA GLN A 65 -29.88 -19.64 -9.26
C GLN A 65 -30.29 -21.09 -8.97
N SER A 66 -29.60 -22.05 -9.59
CA SER A 66 -29.85 -23.49 -9.30
C SER A 66 -28.63 -24.20 -9.82
N VAL A 67 -28.42 -25.45 -9.39
CA VAL A 67 -27.32 -26.24 -9.93
C VAL A 67 -27.79 -27.65 -10.20
N SER A 68 -27.09 -28.33 -11.11
CA SER A 68 -27.32 -29.79 -11.28
C SER A 68 -26.50 -30.49 -10.19
N SER A 69 -25.28 -29.98 -9.99
CA SER A 69 -24.44 -30.48 -8.92
C SER A 69 -23.34 -29.46 -8.63
N ILE A 70 -22.74 -29.58 -7.47
CA ILE A 70 -21.55 -28.75 -7.14
C ILE A 70 -20.33 -29.61 -7.37
N PRO A 71 -19.30 -29.05 -8.04
CA PRO A 71 -18.21 -29.89 -8.54
C PRO A 71 -17.38 -30.57 -7.43
N SER A 72 -17.46 -30.06 -6.20
CA SER A 72 -16.69 -30.61 -5.06
C SER A 72 -17.43 -31.79 -4.45
N GLY A 73 -18.69 -31.96 -4.83
CA GLY A 73 -19.52 -32.97 -4.15
C GLY A 73 -20.32 -32.42 -2.97
N ASP A 74 -20.05 -31.17 -2.54
CA ASP A 74 -20.91 -30.59 -1.50
C ASP A 74 -22.33 -30.47 -2.03
N THR A 75 -23.27 -30.28 -1.11
CA THR A 75 -24.67 -30.23 -1.46
C THR A 75 -25.40 -29.14 -0.67
N GLY A 76 -26.72 -29.11 -0.75
CA GLY A 76 -27.41 -28.03 -0.08
C GLY A 76 -27.17 -26.66 -0.72
N PHE A 77 -27.18 -26.58 -2.05
CA PHE A 77 -26.99 -25.29 -2.72
C PHE A 77 -27.99 -24.25 -2.22
N VAL A 78 -27.49 -23.01 -2.05
CA VAL A 78 -28.31 -21.81 -1.75
C VAL A 78 -27.76 -20.70 -2.64
N LYS A 79 -28.64 -20.02 -3.39
CA LYS A 79 -28.17 -18.91 -4.25
C LYS A 79 -27.72 -17.71 -3.42
N PHE A 80 -26.95 -16.84 -4.07
CA PHE A 80 -26.45 -15.64 -3.40
C PHE A 80 -27.59 -14.73 -3.01
N ASN A 81 -27.50 -14.14 -1.80
CA ASN A 81 -28.47 -13.13 -1.40
C ASN A 81 -28.04 -11.73 -1.90
N ALA A 82 -28.87 -10.72 -1.71
CA ALA A 82 -28.58 -9.39 -2.32
C ALA A 82 -27.28 -8.77 -1.81
N GLU A 83 -27.02 -8.96 -0.52
CA GLU A 83 -25.79 -8.38 0.06
C GLU A 83 -24.57 -9.10 -0.49
N GLN A 84 -24.64 -10.42 -0.60
CA GLN A 84 -23.56 -11.15 -1.25
C GLN A 84 -23.31 -10.72 -2.68
N ILE A 85 -24.37 -10.49 -3.44
CA ILE A 85 -24.23 -9.98 -4.80
C ILE A 85 -23.49 -8.65 -4.84
N GLU A 86 -23.91 -7.71 -4.00
CA GLU A 86 -23.28 -6.39 -4.00
C GLU A 86 -21.80 -6.51 -3.63
N GLN A 87 -21.51 -7.26 -2.58
CA GLN A 87 -20.11 -7.40 -2.16
C GLN A 87 -19.26 -8.15 -3.18
N ALA A 88 -19.82 -9.17 -3.81
CA ALA A 88 -19.02 -9.87 -4.84
C ALA A 88 -18.70 -8.93 -6.00
N LYS A 89 -19.65 -8.06 -6.36
CA LYS A 89 -19.36 -7.16 -7.48
C LYS A 89 -18.26 -6.20 -7.04
N LEU A 90 -18.24 -5.79 -5.78
CA LEU A 90 -17.16 -4.92 -5.32
C LEU A 90 -15.81 -5.65 -5.35
N SER A 91 -15.81 -6.93 -4.98
CA SER A 91 -14.58 -7.70 -5.08
C SER A 91 -14.12 -7.82 -6.54
N LEU A 92 -15.04 -8.14 -7.45
CA LEU A 92 -14.66 -8.21 -8.87
C LEU A 92 -14.03 -6.88 -9.31
N GLN A 93 -14.68 -5.79 -8.93
CA GLN A 93 -14.19 -4.44 -9.32
C GLN A 93 -12.78 -4.20 -8.76
N SER A 94 -12.50 -4.71 -7.57
CA SER A 94 -11.17 -4.47 -7.03
C SER A 94 -10.09 -5.19 -7.83
N TRP A 95 -10.46 -6.29 -8.49
CA TRP A 95 -9.50 -6.96 -9.36
C TRP A 95 -9.43 -6.28 -10.73
N SER A 96 -10.56 -5.92 -11.31
CA SER A 96 -10.52 -5.27 -12.62
C SER A 96 -9.93 -3.86 -12.54
N ASP A 97 -9.93 -3.25 -11.35
CA ASP A 97 -9.26 -1.94 -11.23
C ASP A 97 -7.78 -2.08 -11.50
N VAL A 98 -7.15 -3.22 -11.14
CA VAL A 98 -5.70 -3.28 -11.20
C VAL A 98 -5.15 -4.01 -12.42
N ALA A 99 -5.94 -4.91 -12.99
CA ALA A 99 -5.46 -5.71 -14.11
C ALA A 99 -6.37 -5.48 -15.28
N ASN A 100 -5.88 -5.81 -16.46
CA ASN A 100 -6.66 -5.61 -17.67
C ASN A 100 -7.73 -6.68 -17.88
N LEU A 101 -8.82 -6.56 -17.11
CA LEU A 101 -9.93 -7.51 -17.06
C LEU A 101 -11.19 -6.70 -17.16
N THR A 102 -12.22 -7.23 -17.82
CA THR A 102 -13.53 -6.63 -17.76
C THR A 102 -14.42 -7.75 -17.24
N PHE A 103 -15.45 -7.40 -16.48
CA PHE A 103 -16.37 -8.44 -16.00
C PHE A 103 -17.77 -8.04 -16.44
N THR A 104 -18.49 -8.99 -17.04
CA THR A 104 -19.83 -8.70 -17.52
C THR A 104 -20.75 -9.78 -16.96
N GLU A 105 -21.83 -9.34 -16.32
CA GLU A 105 -22.73 -10.33 -15.74
C GLU A 105 -23.59 -11.00 -16.83
N VAL A 106 -23.77 -12.30 -16.68
CA VAL A 106 -24.75 -13.01 -17.49
C VAL A 106 -25.78 -13.69 -16.59
N THR A 107 -26.95 -13.97 -17.15
CA THR A 107 -28.02 -14.62 -16.38
C THR A 107 -28.65 -15.75 -17.20
N GLY A 108 -29.72 -16.34 -16.69
CA GLY A 108 -30.40 -17.40 -17.43
C GLY A 108 -29.48 -18.58 -17.71
N ASN A 109 -29.53 -19.14 -18.92
CA ASN A 109 -28.78 -20.36 -19.21
C ASN A 109 -27.39 -20.13 -19.78
N LYS A 110 -26.98 -18.88 -19.89
CA LYS A 110 -25.67 -18.58 -20.45
C LYS A 110 -24.55 -19.13 -19.54
N SER A 111 -23.51 -19.64 -20.17
CA SER A 111 -22.33 -20.09 -19.45
C SER A 111 -21.57 -18.87 -18.99
N ALA A 112 -20.80 -19.03 -17.93
CA ALA A 112 -20.01 -17.90 -17.45
C ALA A 112 -18.61 -18.36 -17.06
N ASN A 113 -17.62 -17.47 -17.19
CA ASN A 113 -16.28 -17.82 -16.72
C ASN A 113 -16.24 -18.00 -15.21
N ILE A 114 -16.75 -17.03 -14.48
CA ILE A 114 -16.73 -17.11 -13.02
C ILE A 114 -18.14 -17.22 -12.45
N THR A 115 -18.35 -18.18 -11.55
CA THR A 115 -19.72 -18.32 -10.98
C THR A 115 -19.65 -18.22 -9.48
N PHE A 116 -20.80 -17.88 -8.87
CA PHE A 116 -20.89 -17.76 -7.42
C PHE A 116 -22.10 -18.58 -6.93
N GLY A 117 -21.92 -19.34 -5.85
CA GLY A 117 -23.06 -20.03 -5.25
C GLY A 117 -22.66 -20.43 -3.86
N ASN A 118 -23.64 -20.71 -3.00
CA ASN A 118 -23.34 -21.20 -1.67
C ASN A 118 -23.72 -22.67 -1.54
N TYR A 119 -23.10 -23.32 -0.57
CA TYR A 119 -23.47 -24.71 -0.20
C TYR A 119 -23.71 -24.75 1.31
N THR A 120 -24.27 -25.84 1.82
CA THR A 120 -24.59 -25.89 3.26
C THR A 120 -24.35 -27.27 3.83
N ARG A 121 -24.09 -28.27 2.99
CA ARG A 121 -23.98 -29.67 3.46
C ARG A 121 -22.88 -30.39 2.69
N ASP A 122 -22.37 -31.49 3.24
CA ASP A 122 -21.35 -32.26 2.52
C ASP A 122 -22.00 -33.27 1.60
N ALA A 123 -21.19 -34.10 0.94
CA ALA A 123 -21.69 -35.08 -0.02
C ALA A 123 -22.57 -36.13 0.67
N SER A 124 -22.38 -36.33 1.97
CA SER A 124 -23.21 -37.31 2.69
C SER A 124 -24.54 -36.68 3.12
N GLY A 125 -24.69 -35.39 2.87
CA GLY A 125 -25.96 -34.72 3.20
C GLY A 125 -26.02 -34.21 4.63
N ASN A 126 -24.86 -34.17 5.29
CA ASN A 126 -24.87 -33.65 6.69
C ASN A 126 -24.47 -32.20 6.73
N LEU A 127 -25.03 -31.47 7.68
CA LEU A 127 -24.78 -30.03 7.72
C LEU A 127 -23.31 -29.80 7.89
N ASP A 128 -22.80 -28.78 7.19
CA ASP A 128 -21.37 -28.42 7.31
C ASP A 128 -21.34 -27.01 7.85
N TYR A 129 -20.98 -26.88 9.13
CA TYR A 129 -20.88 -25.52 9.72
C TYR A 129 -19.43 -25.13 9.96
N GLY A 130 -18.51 -25.97 9.48
CA GLY A 130 -17.09 -25.72 9.73
C GLY A 130 -16.29 -25.09 8.59
N THR A 131 -16.56 -25.47 7.37
CA THR A 131 -15.77 -24.95 6.24
C THR A 131 -16.17 -23.52 5.83
N GLN A 132 -15.39 -22.96 4.91
CA GLN A 132 -15.57 -21.54 4.57
C GLN A 132 -15.85 -21.33 3.10
N ALA A 133 -14.91 -21.68 2.21
CA ALA A 133 -15.10 -21.39 0.79
C ALA A 133 -14.01 -22.08 0.00
N TYR A 134 -14.18 -22.19 -1.31
CA TYR A 134 -13.14 -22.69 -2.22
C TYR A 134 -13.52 -22.29 -3.65
N ALA A 135 -12.57 -22.42 -4.59
CA ALA A 135 -12.88 -22.05 -5.97
C ALA A 135 -12.00 -22.81 -6.89
N TYR A 136 -12.36 -22.83 -8.18
CA TYR A 136 -11.63 -23.62 -9.15
C TYR A 136 -10.91 -22.73 -10.14
N TYR A 137 -9.72 -23.18 -10.55
CA TYR A 137 -8.89 -22.38 -11.46
C TYR A 137 -9.55 -22.26 -12.82
N PRO A 138 -9.10 -21.28 -13.62
CA PRO A 138 -9.54 -21.23 -15.02
C PRO A 138 -9.16 -22.52 -15.73
N GLY A 139 -9.97 -22.85 -16.73
CA GLY A 139 -9.69 -24.00 -17.58
C GLY A 139 -10.92 -24.30 -18.40
N ASN A 140 -10.86 -25.40 -19.15
CA ASN A 140 -11.99 -25.82 -19.99
C ASN A 140 -12.85 -26.92 -19.39
N TYR A 141 -12.51 -27.32 -18.17
CA TYR A 141 -13.23 -28.40 -17.54
C TYR A 141 -14.49 -27.93 -16.81
N GLN A 142 -15.35 -28.90 -16.50
CA GLN A 142 -16.60 -28.66 -15.81
C GLN A 142 -16.34 -28.03 -14.45
N GLY A 143 -16.87 -26.83 -14.23
CA GLY A 143 -16.66 -26.22 -12.90
C GLY A 143 -15.54 -25.22 -12.86
N ALA A 144 -14.78 -25.10 -13.96
CA ALA A 144 -13.68 -24.12 -13.97
C ALA A 144 -14.19 -22.73 -13.69
N GLY A 145 -13.50 -22.00 -12.81
CA GLY A 145 -13.92 -20.64 -12.50
C GLY A 145 -15.05 -20.53 -11.48
N SER A 146 -15.58 -21.67 -11.07
CA SER A 146 -16.69 -21.63 -10.10
C SER A 146 -16.18 -21.39 -8.69
N SER A 147 -16.93 -20.62 -7.92
CA SER A 147 -16.55 -20.34 -6.51
C SER A 147 -17.73 -20.60 -5.60
N TRP A 148 -17.43 -21.09 -4.39
CA TRP A 148 -18.45 -21.71 -3.54
C TRP A 148 -18.20 -21.31 -2.11
N TYR A 149 -19.27 -20.98 -1.38
CA TYR A 149 -19.12 -20.37 -0.06
C TYR A 149 -20.10 -21.04 0.89
N ASN A 150 -19.68 -21.22 2.16
CA ASN A 150 -20.55 -21.95 3.11
C ASN A 150 -21.59 -21.02 3.70
N TYR A 151 -22.86 -21.22 3.31
CA TYR A 151 -23.92 -20.33 3.75
C TYR A 151 -24.20 -20.47 5.24
N ASN A 152 -23.66 -21.51 5.91
CA ASN A 152 -23.87 -21.60 7.35
C ASN A 152 -22.92 -20.73 8.16
N GLN A 153 -21.99 -20.07 7.47
CA GLN A 153 -21.09 -19.07 8.14
C GLN A 153 -21.76 -17.71 8.09
N SER A 154 -21.90 -17.05 9.22
CA SER A 154 -22.50 -15.70 9.16
C SER A 154 -21.64 -14.75 8.31
N ASN A 155 -20.32 -14.92 8.30
CA ASN A 155 -19.51 -13.95 7.52
C ASN A 155 -19.79 -14.06 6.01
N ILE A 156 -20.16 -15.26 5.56
CA ILE A 156 -20.50 -15.53 4.15
C ILE A 156 -21.87 -14.93 3.83
N ARG A 157 -22.81 -15.04 4.77
CA ARG A 157 -24.16 -14.48 4.51
C ARG A 157 -24.17 -12.95 4.62
N ASN A 158 -23.27 -12.38 5.45
CA ASN A 158 -23.26 -10.96 5.77
C ASN A 158 -21.91 -10.28 5.40
N PRO A 159 -21.44 -10.42 4.14
CA PRO A 159 -20.05 -9.99 3.82
C PRO A 159 -19.85 -8.48 3.87
N GLY A 160 -20.95 -7.75 3.86
CA GLY A 160 -20.94 -6.29 3.96
C GLY A 160 -20.74 -5.79 5.38
N SER A 161 -20.98 -6.64 6.36
CA SER A 161 -20.78 -6.22 7.74
C SER A 161 -19.78 -7.07 8.47
N GLU A 162 -19.38 -8.19 7.88
CA GLU A 162 -18.40 -9.10 8.49
C GLU A 162 -17.23 -9.20 7.52
N GLU A 163 -16.17 -8.48 7.85
CA GLU A 163 -15.11 -8.19 6.88
C GLU A 163 -14.49 -9.42 6.24
N TYR A 164 -14.49 -10.55 6.98
CA TYR A 164 -13.84 -11.74 6.46
C TYR A 164 -14.63 -12.28 5.26
N GLY A 165 -15.94 -12.00 5.23
CA GLY A 165 -16.75 -12.48 4.09
C GLY A 165 -16.34 -11.80 2.79
N ARG A 166 -16.26 -10.47 2.83
CA ARG A 166 -15.75 -9.76 1.64
C ARG A 166 -14.32 -10.20 1.28
N GLN A 167 -13.46 -10.36 2.28
CA GLN A 167 -12.10 -10.83 1.95
C GLN A 167 -12.14 -12.18 1.26
N THR A 168 -13.04 -13.05 1.72
CA THR A 168 -13.13 -14.38 1.17
C THR A 168 -13.58 -14.32 -0.27
N PHE A 169 -14.54 -13.42 -0.58
CA PHE A 169 -14.91 -13.26 -2.00
C PHE A 169 -13.71 -12.87 -2.86
N THR A 170 -12.93 -11.92 -2.37
CA THR A 170 -11.79 -11.46 -3.15
C THR A 170 -10.79 -12.57 -3.35
N HIS A 171 -10.55 -13.32 -2.28
CA HIS A 171 -9.63 -14.47 -2.31
C HIS A 171 -10.09 -15.52 -3.33
N ALA A 172 -11.35 -15.94 -3.22
CA ALA A 172 -11.87 -16.98 -4.09
C ALA A 172 -11.87 -16.56 -5.54
N ILE A 173 -12.28 -15.31 -5.80
CA ILE A 173 -12.21 -14.81 -7.18
C ILE A 173 -10.77 -14.84 -7.68
N GLY A 174 -9.81 -14.51 -6.81
CA GLY A 174 -8.40 -14.64 -7.20
C GLY A 174 -8.04 -16.04 -7.71
N HIS A 175 -8.48 -17.08 -7.01
CA HIS A 175 -8.29 -18.45 -7.55
C HIS A 175 -9.02 -18.61 -8.90
N ALA A 176 -10.26 -18.12 -8.98
CA ALA A 176 -10.99 -18.25 -10.25
C ALA A 176 -10.35 -17.48 -11.42
N LEU A 177 -9.35 -16.63 -11.12
CA LEU A 177 -8.62 -15.90 -12.16
C LEU A 177 -7.26 -16.53 -12.44
N GLY A 178 -6.87 -17.48 -11.59
CA GLY A 178 -5.63 -18.19 -11.83
C GLY A 178 -4.59 -18.04 -10.72
N LEU A 179 -4.92 -17.36 -9.61
CA LEU A 179 -3.92 -17.21 -8.53
C LEU A 179 -3.97 -18.37 -7.56
N ALA A 180 -2.78 -18.82 -7.09
CA ALA A 180 -2.73 -19.90 -6.13
C ALA A 180 -2.38 -19.40 -4.71
N HIS A 181 -2.73 -20.20 -3.69
CA HIS A 181 -2.12 -19.98 -2.36
C HIS A 181 -0.61 -19.85 -2.50
N PRO A 182 0.00 -18.92 -1.76
CA PRO A 182 1.45 -18.72 -1.92
C PRO A 182 2.26 -19.95 -1.50
N GLY A 183 1.62 -20.90 -0.84
CA GLY A 183 2.31 -22.16 -0.52
C GLY A 183 1.47 -23.37 -0.83
N GLU A 184 2.11 -24.54 -0.86
CA GLU A 184 1.39 -25.78 -1.11
C GLU A 184 0.72 -26.20 0.19
N TYR A 185 -0.47 -25.67 0.37
CA TYR A 185 -1.33 -26.01 1.48
C TYR A 185 -2.76 -25.78 0.98
N ASN A 186 -3.74 -26.31 1.71
CA ASN A 186 -5.15 -26.09 1.38
C ASN A 186 -5.96 -26.53 2.58
N ALA A 187 -7.20 -26.03 2.67
CA ALA A 187 -8.09 -26.38 3.77
C ALA A 187 -8.62 -27.81 3.61
N GLY A 188 -8.54 -28.61 4.67
CA GLY A 188 -8.93 -30.00 4.61
C GLY A 188 -7.73 -30.94 4.51
N GLU A 189 -6.61 -30.41 4.02
CA GLU A 189 -5.36 -31.16 3.93
C GLU A 189 -4.48 -30.93 5.17
N GLY A 190 -4.46 -31.90 6.08
CA GLY A 190 -3.68 -31.80 7.31
C GLY A 190 -4.03 -30.56 8.12
N ASP A 191 -3.02 -29.96 8.73
CA ASP A 191 -3.19 -28.70 9.47
C ASP A 191 -2.03 -27.73 9.22
N PRO A 192 -2.03 -27.10 8.03
CA PRO A 192 -0.90 -26.23 7.69
C PRO A 192 -0.87 -25.00 8.60
N SER A 193 0.23 -24.28 8.57
CA SER A 193 0.38 -23.07 9.39
C SER A 193 1.42 -22.24 8.70
N TYR A 194 1.61 -21.00 9.18
CA TYR A 194 2.62 -20.16 8.59
C TYR A 194 4.01 -20.82 8.64
N ASN A 195 4.22 -21.72 9.59
CA ASN A 195 5.51 -22.42 9.61
C ASN A 195 5.77 -23.21 8.33
N ASP A 196 4.70 -23.57 7.64
CA ASP A 196 4.83 -24.27 6.35
C ASP A 196 5.03 -23.33 5.16
N ALA A 197 4.97 -22.03 5.37
CA ALA A 197 5.13 -21.07 4.26
C ALA A 197 6.48 -21.22 3.55
N VAL A 198 6.47 -21.13 2.22
CA VAL A 198 7.69 -21.16 1.40
C VAL A 198 8.57 -19.90 1.53
N TYR A 199 7.96 -18.75 1.75
CA TYR A 199 8.71 -17.51 1.85
C TYR A 199 8.08 -16.63 2.93
N ALA A 200 8.85 -15.67 3.46
CA ALA A 200 8.46 -14.96 4.67
C ALA A 200 7.19 -14.15 4.43
N GLU A 201 7.05 -13.64 3.21
CA GLU A 201 5.98 -12.67 2.95
C GLU A 201 4.67 -13.32 2.57
N ASP A 202 4.49 -14.59 2.94
CA ASP A 202 3.21 -15.27 2.78
C ASP A 202 2.28 -14.92 3.96
N SER A 203 1.59 -13.77 3.89
CA SER A 203 0.65 -13.37 4.93
C SER A 203 -0.30 -12.36 4.34
N TYR A 204 -1.39 -12.07 5.05
CA TYR A 204 -2.36 -11.08 4.51
C TYR A 204 -1.78 -9.69 4.31
N GLN A 205 -0.63 -9.40 4.92
CA GLN A 205 -0.01 -8.08 4.73
C GLN A 205 0.37 -7.90 3.24
N PHE A 206 0.70 -9.03 2.58
CA PHE A 206 1.23 -9.01 1.21
C PHE A 206 0.28 -9.63 0.19
N SER A 207 -0.49 -10.63 0.63
CA SER A 207 -1.39 -11.31 -0.32
C SER A 207 -2.67 -11.79 0.38
N ILE A 208 -3.84 -11.42 -0.16
CA ILE A 208 -5.05 -11.97 0.45
C ILE A 208 -5.35 -13.37 -0.09
N ILE A 209 -4.46 -13.88 -0.91
CA ILE A 209 -4.54 -15.32 -1.31
C ILE A 209 -3.81 -16.22 -0.26
N SER A 210 -3.10 -15.59 0.66
CA SER A 210 -2.49 -16.30 1.78
C SER A 210 -3.58 -16.87 2.70
N TYR A 211 -3.19 -17.88 3.50
CA TYR A 211 -3.99 -18.34 4.62
C TYR A 211 -3.61 -17.62 5.93
N TRP A 212 -2.48 -16.91 5.96
CA TRP A 212 -1.87 -16.51 7.24
C TRP A 212 -2.09 -15.04 7.60
N GLY A 213 -2.36 -14.81 8.89
CA GLY A 213 -2.72 -13.49 9.41
C GLY A 213 -1.55 -12.53 9.24
N GLU A 214 -1.87 -11.23 9.16
CA GLU A 214 -0.83 -10.24 8.91
C GLU A 214 0.12 -10.15 10.11
N ASN A 215 -0.31 -10.65 11.27
CA ASN A 215 0.59 -10.65 12.42
C ASN A 215 1.82 -11.54 12.20
N GLU A 216 1.71 -12.52 11.31
CA GLU A 216 2.83 -13.42 11.07
C GLU A 216 4.03 -12.68 10.49
N THR A 217 3.79 -11.54 9.83
CA THR A 217 4.89 -10.75 9.31
C THR A 217 5.10 -9.42 10.06
N GLY A 218 4.49 -9.28 11.23
CA GLY A 218 4.71 -8.12 12.06
C GLY A 218 3.76 -6.96 11.81
N ALA A 219 2.76 -7.17 10.96
CA ALA A 219 1.73 -6.17 10.76
C ALA A 219 0.62 -6.39 11.79
N ASP A 220 -0.30 -5.46 11.90
CA ASP A 220 -1.37 -5.59 12.88
C ASP A 220 -2.56 -4.77 12.44
N TYR A 221 -3.65 -5.46 12.05
CA TYR A 221 -4.86 -4.77 11.62
C TYR A 221 -5.98 -4.78 12.66
N ASN A 222 -5.60 -5.08 13.91
CA ASN A 222 -6.52 -4.93 15.03
C ASN A 222 -7.86 -5.65 14.81
N GLY A 223 -7.78 -6.83 14.20
CA GLY A 223 -8.97 -7.67 14.05
C GLY A 223 -9.72 -7.44 12.76
N HIS A 224 -9.29 -6.45 11.97
CA HIS A 224 -9.93 -6.19 10.68
C HIS A 224 -9.36 -7.08 9.56
N TYR A 225 -10.10 -7.17 8.46
CA TYR A 225 -9.69 -7.84 7.21
C TYR A 225 -9.82 -6.88 6.07
N GLY A 226 -8.76 -6.73 5.29
CA GLY A 226 -8.74 -5.70 4.26
C GLY A 226 -9.74 -5.87 3.10
N GLY A 227 -9.92 -7.05 2.63
CA GLY A 227 -10.97 -7.11 1.58
C GLY A 227 -10.57 -6.84 0.11
N ALA A 228 -9.40 -6.25 -0.16
CA ALA A 228 -9.00 -6.06 -1.57
C ALA A 228 -7.56 -6.57 -1.81
N PRO A 229 -7.16 -6.69 -3.08
CA PRO A 229 -5.84 -7.23 -3.38
C PRO A 229 -4.73 -6.46 -2.72
N MET A 230 -3.77 -7.19 -2.14
CA MET A 230 -2.60 -6.55 -1.52
C MET A 230 -1.43 -6.52 -2.49
N ILE A 231 -0.28 -6.06 -2.04
CA ILE A 231 0.75 -5.65 -3.02
C ILE A 231 1.23 -6.77 -3.94
N ASP A 232 1.39 -7.98 -3.40
CA ASP A 232 1.91 -9.10 -4.22
C ASP A 232 0.80 -9.65 -5.10
N ASP A 233 -0.46 -9.52 -4.63
CA ASP A 233 -1.62 -9.87 -5.48
C ASP A 233 -1.69 -9.00 -6.70
N ILE A 234 -1.43 -7.70 -6.52
CA ILE A 234 -1.51 -6.78 -7.66
C ILE A 234 -0.44 -7.15 -8.66
N ALA A 235 0.76 -7.42 -8.18
CA ALA A 235 1.82 -7.81 -9.12
C ALA A 235 1.48 -9.12 -9.82
N ALA A 236 0.92 -10.06 -9.05
CA ALA A 236 0.58 -11.41 -9.60
C ALA A 236 -0.47 -11.32 -10.69
N ILE A 237 -1.54 -10.59 -10.40
CA ILE A 237 -2.63 -10.57 -11.37
C ILE A 237 -2.22 -9.77 -12.60
N GLN A 238 -1.36 -8.78 -12.41
CA GLN A 238 -0.82 -8.04 -13.56
C GLN A 238 0.14 -8.89 -14.39
N ARG A 239 0.85 -9.82 -13.74
CA ARG A 239 1.67 -10.77 -14.50
C ARG A 239 0.82 -11.56 -15.46
N LEU A 240 -0.36 -11.99 -15.02
CA LEU A 240 -1.22 -12.80 -15.89
C LEU A 240 -1.91 -11.98 -16.94
N TYR A 241 -2.47 -10.84 -16.57
CA TYR A 241 -3.42 -10.15 -17.48
C TYR A 241 -2.98 -8.74 -17.91
N GLY A 242 -1.85 -8.26 -17.41
CA GLY A 242 -1.45 -6.88 -17.73
C GLY A 242 -2.02 -5.91 -16.72
N ALA A 243 -1.38 -4.76 -16.58
CA ALA A 243 -1.84 -3.73 -15.64
C ALA A 243 -2.94 -2.89 -16.31
N ASN A 244 -3.85 -2.36 -15.51
CA ASN A 244 -4.95 -1.54 -16.04
C ASN A 244 -4.53 -0.07 -15.93
N MET A 245 -4.13 0.53 -17.05
CA MET A 245 -3.62 1.90 -16.97
C MET A 245 -4.72 2.95 -17.14
N THR A 246 -5.98 2.52 -17.05
CA THR A 246 -7.08 3.47 -17.13
C THR A 246 -7.67 3.81 -15.78
N THR A 247 -7.11 3.25 -14.71
CA THR A 247 -7.74 3.37 -13.41
C THR A 247 -7.27 4.59 -12.62
N ARG A 248 -8.22 5.43 -12.24
CA ARG A 248 -7.92 6.62 -11.37
C ARG A 248 -6.79 7.47 -11.93
N THR A 249 -6.89 7.80 -13.22
CA THR A 249 -5.81 8.57 -13.87
C THR A 249 -5.89 10.08 -13.58
N GLY A 250 -6.93 10.51 -12.85
CA GLY A 250 -7.02 11.92 -12.39
C GLY A 250 -6.34 12.10 -11.05
N ASP A 251 -6.53 13.24 -10.42
CA ASP A 251 -5.91 13.48 -9.12
C ASP A 251 -6.76 12.77 -8.08
N SER A 252 -6.18 11.75 -7.46
CA SER A 252 -6.96 10.84 -6.63
C SER A 252 -6.58 11.01 -5.19
N VAL A 253 -7.58 10.97 -4.32
CA VAL A 253 -7.33 11.07 -2.87
C VAL A 253 -7.75 9.80 -2.18
N TYR A 254 -6.84 9.26 -1.37
CA TYR A 254 -7.06 7.99 -0.67
C TYR A 254 -7.10 8.27 0.81
N GLY A 255 -8.03 7.64 1.54
CA GLY A 255 -8.12 7.89 3.00
C GLY A 255 -9.33 8.78 3.29
N PHE A 256 -9.12 9.85 4.04
CA PHE A 256 -10.22 10.76 4.35
C PHE A 256 -10.49 11.61 3.13
N ASN A 257 -11.73 12.10 2.97
CA ASN A 257 -12.05 12.98 1.83
C ASN A 257 -11.75 12.28 0.51
N SER A 258 -11.92 10.96 0.50
CA SER A 258 -11.53 10.22 -0.72
C SER A 258 -12.44 10.49 -1.89
N ASN A 259 -11.89 10.47 -3.11
CA ASN A 259 -12.74 10.55 -4.30
C ASN A 259 -12.68 9.29 -5.13
N THR A 260 -12.33 8.18 -4.49
CA THR A 260 -12.16 6.92 -5.22
C THR A 260 -13.45 6.12 -5.44
N ASP A 261 -14.49 6.43 -4.65
CA ASP A 261 -15.72 5.63 -4.68
C ASP A 261 -15.34 4.15 -4.52
N ARG A 262 -14.36 3.91 -3.65
CA ARG A 262 -14.06 2.52 -3.24
C ARG A 262 -14.02 2.44 -1.71
N ASP A 263 -14.81 1.54 -1.14
CA ASP A 263 -14.89 1.48 0.30
C ASP A 263 -13.51 1.20 0.92
N PHE A 264 -12.70 0.37 0.29
CA PHE A 264 -11.45 0.00 0.95
C PHE A 264 -10.39 1.08 0.84
N TYR A 265 -10.66 2.14 0.06
CA TYR A 265 -9.75 3.29 0.07
C TYR A 265 -10.30 4.48 0.85
N THR A 266 -11.41 4.29 1.52
CA THR A 266 -12.16 5.44 2.06
C THR A 266 -12.29 5.32 3.58
N ALA A 267 -11.91 6.38 4.30
CA ALA A 267 -12.19 6.44 5.72
C ALA A 267 -13.19 7.57 5.91
N THR A 268 -14.34 7.27 6.51
CA THR A 268 -15.36 8.32 6.64
C THR A 268 -15.34 9.00 7.99
N ASP A 269 -14.67 8.39 8.97
CA ASP A 269 -14.43 9.06 10.22
C ASP A 269 -13.27 8.33 10.89
N SER A 270 -12.79 8.87 12.00
CA SER A 270 -11.52 8.45 12.62
C SER A 270 -11.55 7.04 13.17
N SER A 271 -12.75 6.46 13.30
CA SER A 271 -12.88 5.10 13.81
C SER A 271 -12.73 4.09 12.70
N LYS A 272 -12.67 4.54 11.45
CA LYS A 272 -12.58 3.61 10.35
C LYS A 272 -11.14 3.14 10.13
N ALA A 273 -10.98 1.83 9.99
CA ALA A 273 -9.70 1.23 9.71
C ALA A 273 -9.46 1.29 8.19
N LEU A 274 -8.22 1.53 7.78
CA LEU A 274 -7.88 1.45 6.35
C LEU A 274 -6.87 0.32 6.16
N ILE A 275 -7.14 -0.58 5.22
CA ILE A 275 -6.17 -1.62 4.86
C ILE A 275 -6.22 -1.69 3.34
N PHE A 276 -5.12 -1.29 2.67
CA PHE A 276 -5.16 -1.34 1.21
C PHE A 276 -3.75 -1.29 0.64
N SER A 277 -3.62 -1.76 -0.59
CA SER A 277 -2.44 -1.50 -1.40
C SER A 277 -2.94 -0.74 -2.58
N VAL A 278 -2.40 0.46 -2.79
CA VAL A 278 -2.99 1.32 -3.82
C VAL A 278 -2.43 1.03 -5.23
N TRP A 279 -3.36 0.94 -6.19
CA TRP A 279 -3.03 0.99 -7.61
C TRP A 279 -3.59 2.30 -8.15
N ASP A 280 -2.80 3.04 -8.94
CA ASP A 280 -3.28 4.33 -9.44
C ASP A 280 -2.45 4.56 -10.69
N ALA A 281 -3.13 4.90 -11.78
CA ALA A 281 -2.50 4.91 -13.11
C ALA A 281 -2.19 6.29 -13.66
N GLY A 282 -2.34 7.34 -12.86
CA GLY A 282 -1.96 8.66 -13.42
C GLY A 282 -2.39 9.82 -12.52
N GLY A 283 -1.87 11.02 -12.77
CA GLY A 283 -2.40 12.16 -12.00
C GLY A 283 -1.61 12.46 -10.72
N THR A 284 -2.00 13.54 -10.02
CA THR A 284 -1.32 13.95 -8.78
C THR A 284 -2.20 13.52 -7.64
N ASP A 285 -1.68 12.61 -6.83
CA ASP A 285 -2.50 11.88 -5.82
C ASP A 285 -2.08 12.15 -4.42
N THR A 286 -3.00 11.98 -3.48
CA THR A 286 -2.76 12.34 -2.10
C THR A 286 -3.20 11.20 -1.17
N PHE A 287 -2.35 10.90 -0.18
CA PHE A 287 -2.76 10.06 0.95
C PHE A 287 -3.27 11.04 2.02
N ASP A 288 -4.60 11.13 2.22
CA ASP A 288 -5.11 12.03 3.24
C ASP A 288 -5.43 11.21 4.49
N PHE A 289 -4.51 11.22 5.46
CA PHE A 289 -4.70 10.47 6.67
C PHE A 289 -4.90 11.45 7.82
N SER A 290 -5.60 12.54 7.51
CA SER A 290 -5.68 13.67 8.44
C SER A 290 -6.60 13.47 9.63
N GLY A 291 -7.51 12.51 9.51
CA GLY A 291 -8.59 12.37 10.49
C GLY A 291 -8.19 11.57 11.71
N TYR A 292 -6.96 11.05 11.73
CA TYR A 292 -6.52 10.19 12.85
C TYR A 292 -5.68 10.95 13.89
N SER A 293 -5.69 10.47 15.13
CA SER A 293 -4.88 11.10 16.16
C SER A 293 -3.69 10.25 16.55
N ASN A 294 -3.63 9.02 16.02
CA ASN A 294 -2.49 8.11 16.31
C ASN A 294 -1.20 8.64 15.69
N ASN A 295 -0.05 8.28 16.25
CA ASN A 295 1.22 8.61 15.56
C ASN A 295 1.32 7.72 14.32
N GLN A 296 1.48 8.33 13.15
CA GLN A 296 1.49 7.54 11.91
C GLN A 296 2.84 7.61 11.23
N ARG A 297 3.14 6.64 10.37
CA ARG A 297 4.37 6.68 9.59
C ARG A 297 3.94 6.44 8.13
N ILE A 298 4.18 7.42 7.27
CA ILE A 298 3.56 7.38 5.93
C ILE A 298 4.69 7.46 4.91
N ASN A 299 4.83 6.47 4.03
CA ASN A 299 5.91 6.43 3.04
C ASN A 299 5.28 6.47 1.66
N LEU A 300 5.74 7.41 0.80
CA LEU A 300 5.18 7.54 -0.56
C LEU A 300 5.99 6.73 -1.60
N ASN A 301 7.02 6.00 -1.17
CA ASN A 301 7.80 5.23 -2.15
C ASN A 301 7.00 4.05 -2.65
N GLU A 302 7.05 3.83 -3.96
CA GLU A 302 6.43 2.61 -4.48
C GLU A 302 7.01 1.38 -3.80
N GLY A 303 6.16 0.40 -3.52
CA GLY A 303 6.55 -0.85 -2.90
C GLY A 303 6.58 -0.76 -1.40
N SER A 304 6.41 0.45 -0.83
CA SER A 304 6.69 0.58 0.60
C SER A 304 5.44 0.45 1.48
N PHE A 305 5.62 0.16 2.76
CA PHE A 305 4.50 0.09 3.72
C PHE A 305 4.44 1.25 4.68
N SER A 306 3.21 1.58 5.11
CA SER A 306 2.98 2.67 6.05
C SER A 306 2.23 2.13 7.25
N ASP A 307 2.29 2.89 8.36
CA ASP A 307 1.53 2.54 9.55
C ASP A 307 0.50 3.64 9.71
N VAL A 308 -0.78 3.32 9.47
CA VAL A 308 -1.78 4.39 9.29
C VAL A 308 -2.90 4.19 10.29
N GLY A 309 -3.36 5.25 10.93
CA GLY A 309 -4.54 5.15 11.82
C GLY A 309 -4.39 4.23 13.01
N GLY A 310 -3.19 4.10 13.52
CA GLY A 310 -3.04 3.18 14.67
C GLY A 310 -2.82 1.72 14.35
N LEU A 311 -2.98 1.32 13.09
CA LEU A 311 -2.64 -0.05 12.64
C LEU A 311 -1.18 -0.08 12.20
N LYS A 312 -0.64 -1.28 11.99
CA LYS A 312 0.73 -1.41 11.54
C LYS A 312 0.78 -2.12 10.21
N GLY A 313 1.52 -1.54 9.25
CA GLY A 313 1.74 -2.24 7.99
C GLY A 313 0.46 -2.42 7.15
N ASN A 314 -0.48 -1.50 7.33
CA ASN A 314 -1.83 -1.64 6.75
C ASN A 314 -2.03 -0.93 5.40
N VAL A 315 -1.11 -0.04 5.04
CA VAL A 315 -1.18 0.61 3.72
C VAL A 315 0.11 0.38 2.95
N SER A 316 0.00 0.04 1.66
CA SER A 316 1.21 0.01 0.84
C SER A 316 0.89 0.58 -0.52
N ILE A 317 1.93 0.77 -1.30
CA ILE A 317 1.81 1.32 -2.65
C ILE A 317 2.37 0.28 -3.63
N ALA A 318 1.52 -0.09 -4.59
CA ALA A 318 1.91 -1.16 -5.53
C ALA A 318 3.11 -0.75 -6.39
N HIS A 319 3.87 -1.74 -6.85
CA HIS A 319 4.94 -1.45 -7.82
C HIS A 319 4.30 -0.82 -9.05
N GLY A 320 4.95 0.22 -9.60
CA GLY A 320 4.43 0.88 -10.80
C GLY A 320 3.60 2.14 -10.52
N VAL A 321 3.52 2.55 -9.26
CA VAL A 321 2.61 3.61 -8.88
C VAL A 321 3.42 4.77 -8.28
N THR A 322 3.08 6.02 -8.67
CA THR A 322 3.63 7.20 -7.98
C THR A 322 2.53 7.99 -7.30
N ILE A 323 2.57 8.05 -5.96
CA ILE A 323 1.66 8.85 -5.15
C ILE A 323 2.52 10.08 -4.74
N GLU A 324 1.94 11.27 -4.87
CA GLU A 324 2.73 12.51 -4.78
C GLU A 324 2.64 13.23 -3.45
N ASN A 325 1.49 13.19 -2.78
CA ASN A 325 1.26 14.03 -1.59
C ASN A 325 0.79 13.23 -0.37
N ALA A 326 1.04 13.75 0.84
CA ALA A 326 0.56 13.03 2.00
C ALA A 326 0.18 14.05 3.07
N ILE A 327 -0.86 13.71 3.84
CA ILE A 327 -1.30 14.55 4.95
C ILE A 327 -1.38 13.69 6.21
N GLY A 328 -0.56 14.01 7.23
CA GLY A 328 -0.69 13.32 8.52
C GLY A 328 -1.87 13.81 9.35
N GLY A 329 -2.04 13.23 10.53
CA GLY A 329 -3.11 13.68 11.42
C GLY A 329 -2.56 14.41 12.64
N SER A 330 -3.28 14.32 13.75
CA SER A 330 -2.87 15.18 14.87
C SER A 330 -1.79 14.49 15.71
N GLY A 331 -1.41 13.27 15.33
CA GLY A 331 -0.38 12.55 16.06
C GLY A 331 1.01 13.05 15.67
N ASN A 332 2.04 12.47 16.25
CA ASN A 332 3.42 12.82 15.94
C ASN A 332 3.86 11.84 14.88
N ASP A 333 3.92 12.32 13.63
CA ASP A 333 3.97 11.43 12.48
C ASP A 333 5.33 11.53 11.81
N ILE A 334 5.62 10.55 10.94
CA ILE A 334 6.79 10.64 10.07
C ILE A 334 6.24 10.54 8.66
N LEU A 335 6.59 11.51 7.82
CA LEU A 335 6.12 11.53 6.43
C LEU A 335 7.34 11.50 5.56
N VAL A 336 7.43 10.47 4.73
CA VAL A 336 8.59 10.28 3.85
C VAL A 336 8.19 10.35 2.37
N GLY A 337 8.73 11.32 1.60
CA GLY A 337 8.36 11.46 0.21
C GLY A 337 9.18 10.54 -0.68
N ASN A 338 9.01 10.65 -1.99
CA ASN A 338 9.72 9.81 -2.93
C ASN A 338 10.47 10.76 -3.90
N SER A 339 10.94 10.26 -5.04
CA SER A 339 11.76 11.16 -5.88
C SER A 339 10.93 12.19 -6.67
N ALA A 340 9.60 12.08 -6.59
CA ALA A 340 8.71 13.04 -7.22
C ALA A 340 8.66 14.34 -6.39
N ASP A 341 8.03 15.37 -6.94
CA ASP A 341 7.80 16.61 -6.21
C ASP A 341 6.59 16.39 -5.32
N ASN A 342 6.80 16.38 -4.01
CA ASN A 342 5.75 15.99 -3.06
C ASN A 342 5.28 17.18 -2.25
N ILE A 343 4.00 17.21 -1.91
CA ILE A 343 3.56 18.20 -0.92
C ILE A 343 3.26 17.39 0.30
N LEU A 344 3.95 17.67 1.40
CA LEU A 344 3.77 16.91 2.64
C LEU A 344 3.23 17.86 3.71
N GLN A 345 2.20 17.42 4.41
CA GLN A 345 1.58 18.26 5.45
C GLN A 345 1.55 17.43 6.73
N GLY A 346 2.33 17.83 7.75
CA GLY A 346 2.36 17.06 8.99
C GLY A 346 1.09 17.14 9.84
N GLY A 347 0.33 18.23 9.74
CA GLY A 347 -0.83 18.40 10.62
C GLY A 347 -0.34 18.77 12.02
N ALA A 348 -1.24 18.71 12.99
CA ALA A 348 -0.84 19.05 14.35
C ALA A 348 0.06 17.94 14.89
N GLY A 349 0.64 18.08 16.10
CA GLY A 349 1.60 17.07 16.52
C GLY A 349 3.01 17.44 16.06
N ASN A 350 4.01 16.75 16.60
CA ASN A 350 5.40 17.06 16.33
C ASN A 350 5.87 16.03 15.31
N ASP A 351 5.96 16.48 14.05
CA ASP A 351 6.09 15.55 12.90
C ASP A 351 7.48 15.65 12.32
N VAL A 352 7.92 14.58 11.68
CA VAL A 352 9.18 14.58 10.98
C VAL A 352 8.85 14.44 9.49
N LEU A 353 9.28 15.42 8.68
CA LEU A 353 9.00 15.37 7.23
C LEU A 353 10.31 15.23 6.48
N TYR A 354 10.31 14.38 5.44
CA TYR A 354 11.50 14.17 4.61
C TYR A 354 11.07 14.12 3.14
N GLY A 355 11.42 15.14 2.37
CA GLY A 355 10.92 15.20 0.99
C GLY A 355 11.66 14.25 0.07
N GLY A 356 12.91 13.95 0.34
CA GLY A 356 13.69 13.14 -0.57
C GLY A 356 14.08 13.95 -1.80
N ALA A 357 14.41 13.28 -2.88
CA ALA A 357 14.70 13.99 -4.13
C ALA A 357 13.48 14.69 -4.68
N GLY A 358 13.71 15.55 -5.66
CA GLY A 358 12.62 16.39 -6.18
C GLY A 358 12.40 17.65 -5.36
N ALA A 359 11.61 18.56 -5.95
CA ALA A 359 11.30 19.89 -5.38
C ALA A 359 10.03 19.73 -4.57
N ASP A 360 10.16 19.54 -3.27
CA ASP A 360 9.00 19.26 -2.40
C ASP A 360 8.53 20.51 -1.73
N THR A 361 7.27 20.53 -1.30
CA THR A 361 6.78 21.70 -0.57
C THR A 361 6.28 21.16 0.75
N LEU A 362 6.78 21.69 1.87
CA LEU A 362 6.60 21.06 3.16
C LEU A 362 5.89 21.98 4.11
N TYR A 363 4.87 21.44 4.79
CA TYR A 363 4.10 22.17 5.82
C TYR A 363 4.20 21.33 7.08
N GLY A 364 4.90 21.86 8.09
CA GLY A 364 4.94 21.11 9.34
C GLY A 364 3.62 21.06 10.07
N GLY A 365 2.80 22.11 9.92
CA GLY A 365 1.56 22.23 10.65
C GLY A 365 1.85 22.80 12.04
N ALA A 366 0.84 22.85 12.88
CA ALA A 366 1.07 23.19 14.30
C ALA A 366 2.03 22.16 14.90
N GLY A 367 2.73 22.51 15.96
CA GLY A 367 3.59 21.55 16.62
C GLY A 367 5.06 21.82 16.35
N ARG A 368 5.95 21.09 17.02
CA ARG A 368 7.39 21.29 16.84
C ARG A 368 7.85 20.29 15.78
N ASP A 369 7.97 20.78 14.53
CA ASP A 369 8.20 19.88 13.39
C ASP A 369 9.65 19.91 12.98
N THR A 370 10.10 18.86 12.30
CA THR A 370 11.48 18.76 11.86
C THR A 370 11.51 18.37 10.41
N PHE A 371 12.20 19.17 9.60
CA PHE A 371 12.27 18.91 8.18
C PHE A 371 13.64 18.34 7.90
N VAL A 372 13.69 17.10 7.41
CA VAL A 372 14.97 16.37 7.38
C VAL A 372 15.54 16.30 5.98
N TYR A 373 16.87 16.50 5.88
CA TYR A 373 17.60 16.40 4.60
C TYR A 373 18.68 15.34 4.74
N GLY A 374 18.69 14.36 3.83
CA GLY A 374 19.63 13.26 3.89
C GLY A 374 20.78 13.34 2.90
N SER A 375 20.66 14.21 1.92
CA SER A 375 21.61 14.24 0.80
C SER A 375 21.55 15.59 0.12
N GLY A 376 22.66 16.01 -0.50
CA GLY A 376 22.62 17.26 -1.30
C GLY A 376 21.63 17.13 -2.45
N GLN A 377 21.32 15.91 -2.88
CA GLN A 377 20.38 15.74 -3.99
C GLN A 377 18.94 15.93 -3.54
N ASP A 378 18.70 16.12 -2.24
CA ASP A 378 17.32 16.30 -1.81
C ASP A 378 16.81 17.71 -2.17
N SER A 379 17.69 18.71 -2.32
CA SER A 379 17.19 20.05 -2.53
C SER A 379 18.25 20.80 -3.33
N THR A 380 18.43 20.38 -4.58
CA THR A 380 19.36 21.12 -5.46
C THR A 380 18.81 22.51 -5.82
N VAL A 381 19.71 23.41 -6.22
CA VAL A 381 19.27 24.72 -6.68
C VAL A 381 18.28 24.59 -7.84
N ALA A 382 18.54 23.63 -8.75
CA ALA A 382 17.70 23.47 -9.97
C ALA A 382 16.28 22.93 -9.64
N ALA A 383 16.09 22.41 -8.42
CA ALA A 383 14.78 21.79 -8.05
C ALA A 383 14.64 21.85 -6.52
N TYR A 384 14.65 23.08 -5.98
CA TYR A 384 14.75 23.23 -4.53
C TYR A 384 13.43 23.03 -3.83
N ASP A 385 13.52 22.60 -2.58
CA ASP A 385 12.33 22.50 -1.70
C ASP A 385 11.91 23.87 -1.22
N TRP A 386 10.60 23.97 -0.90
CA TRP A 386 10.09 25.11 -0.13
C TRP A 386 9.63 24.53 1.24
N ILE A 387 9.91 25.25 2.33
CA ILE A 387 9.25 24.94 3.61
C ILE A 387 8.34 26.17 3.86
N ALA A 388 7.04 25.95 3.83
CA ALA A 388 6.13 27.10 3.61
C ALA A 388 5.53 27.63 4.90
N ASP A 389 5.72 26.95 6.03
CA ASP A 389 5.05 27.38 7.26
C ASP A 389 6.03 27.30 8.45
N PHE A 390 7.31 27.51 8.19
CA PHE A 390 8.34 27.33 9.21
C PHE A 390 8.15 28.28 10.36
N GLN A 391 8.32 27.77 11.59
CA GLN A 391 8.18 28.63 12.78
C GLN A 391 9.51 28.77 13.51
N LYS A 392 10.10 29.94 13.43
CA LYS A 392 11.36 30.22 14.10
C LYS A 392 11.25 29.89 15.57
N GLY A 393 12.28 29.20 16.10
CA GLY A 393 12.34 28.85 17.53
C GLY A 393 11.47 27.64 17.91
N ILE A 394 10.75 27.08 16.95
CA ILE A 394 9.84 25.98 17.27
C ILE A 394 10.17 24.79 16.38
N ASP A 395 10.18 25.02 15.07
CA ASP A 395 10.54 23.97 14.10
C ASP A 395 12.04 23.84 13.94
N LYS A 396 12.46 22.77 13.30
CA LYS A 396 13.88 22.54 13.08
C LYS A 396 14.10 22.10 11.65
N ILE A 397 15.27 22.42 11.11
CA ILE A 397 15.71 21.85 9.80
C ILE A 397 16.91 21.00 10.13
N ASP A 398 16.83 19.72 9.77
CA ASP A 398 17.83 18.75 10.24
C ASP A 398 18.79 18.40 9.10
N LEU A 399 20.05 18.86 9.23
CA LEU A 399 21.13 18.60 8.28
C LEU A 399 22.16 17.65 8.86
N SER A 400 21.80 16.89 9.90
CA SER A 400 22.76 16.03 10.58
C SER A 400 23.34 14.94 9.66
N ALA A 401 22.55 14.50 8.68
CA ALA A 401 23.03 13.50 7.71
C ALA A 401 24.34 13.94 7.00
N PHE A 402 24.54 15.25 6.86
CA PHE A 402 25.74 15.78 6.20
C PHE A 402 27.04 15.58 6.99
N ARG A 403 26.89 15.19 8.25
CA ARG A 403 28.05 14.89 9.08
C ARG A 403 28.94 13.80 8.47
N ASN A 404 28.34 12.93 7.67
CA ASN A 404 29.13 11.87 7.04
C ASN A 404 30.21 12.39 6.07
N GLU A 405 30.17 13.69 5.73
CA GLU A 405 31.27 14.31 4.97
C GLU A 405 32.00 15.40 5.73
N GLY A 406 31.82 15.43 7.05
CA GLY A 406 32.43 16.48 7.85
C GLY A 406 31.38 17.34 8.53
N GLN A 407 31.60 17.69 9.79
CA GLN A 407 30.67 18.55 10.55
C GLN A 407 30.40 19.84 9.78
N LEU A 408 29.14 20.18 9.57
CA LEU A 408 28.78 21.43 8.87
C LEU A 408 29.06 22.60 9.82
N SER A 409 29.64 23.68 9.29
CA SER A 409 29.86 24.91 10.05
C SER A 409 28.83 25.92 9.57
N PHE A 410 28.33 26.73 10.49
CA PHE A 410 27.47 27.85 10.14
C PHE A 410 28.30 29.12 9.79
N VAL A 411 27.95 29.82 8.69
CA VAL A 411 28.62 31.08 8.38
C VAL A 411 27.55 32.18 8.29
N GLN A 412 27.94 33.42 8.61
CA GLN A 412 26.95 34.50 8.67
C GLN A 412 26.54 35.09 7.32
N ASP A 413 27.51 35.52 6.50
CA ASP A 413 27.11 36.19 5.25
C ASP A 413 27.99 35.83 4.08
N GLN A 414 29.00 35.01 4.33
CA GLN A 414 29.88 34.66 3.24
C GLN A 414 30.46 33.26 3.40
N PHE A 415 30.68 32.60 2.26
CA PHE A 415 31.32 31.30 2.23
C PHE A 415 32.84 31.42 2.12
N THR A 416 33.58 30.54 2.77
CA THR A 416 35.04 30.67 2.72
C THR A 416 35.62 29.96 1.52
N GLY A 417 34.89 28.94 1.05
CA GLY A 417 35.38 28.08 -0.02
C GLY A 417 35.74 26.70 0.48
N LYS A 418 35.90 26.58 1.80
CA LYS A 418 36.26 25.32 2.44
C LYS A 418 35.19 24.22 2.33
N GLY A 419 33.95 24.60 2.06
CA GLY A 419 32.90 23.58 2.01
C GLY A 419 32.45 23.12 3.40
N GLN A 420 31.34 22.39 3.40
CA GLN A 420 30.57 22.04 4.59
C GLN A 420 30.24 23.28 5.39
N GLU A 421 29.67 24.27 4.71
CA GLU A 421 29.21 25.48 5.36
C GLU A 421 27.74 25.70 5.02
N VAL A 422 27.01 26.23 6.00
CA VAL A 422 25.58 26.51 5.88
CA VAL A 422 25.58 26.51 5.86
C VAL A 422 25.37 27.97 6.17
N MET A 423 24.48 28.64 5.42
CA MET A 423 24.26 30.07 5.62
C MET A 423 22.75 30.29 5.54
N LEU A 424 22.23 31.22 6.34
CA LEU A 424 20.83 31.64 6.19
C LEU A 424 20.85 33.04 5.65
N GLN A 425 20.02 33.33 4.65
CA GLN A 425 20.01 34.68 4.08
C GLN A 425 18.61 35.19 4.03
N TRP A 426 18.39 36.34 4.63
CA TRP A 426 17.05 36.90 4.68
C TRP A 426 16.80 37.86 3.53
N ASP A 427 15.68 37.67 2.87
CA ASP A 427 15.23 38.55 1.79
C ASP A 427 14.06 39.35 2.35
N ALA A 428 14.36 40.58 2.76
CA ALA A 428 13.36 41.39 3.42
C ALA A 428 12.21 41.80 2.50
N ALA A 429 12.52 41.94 1.22
CA ALA A 429 11.46 42.39 0.30
C ALA A 429 10.39 41.36 0.16
N ASN A 430 10.79 40.09 0.18
CA ASN A 430 9.85 39.01 0.02
C ASN A 430 9.55 38.22 1.31
N SER A 431 10.26 38.50 2.39
CA SER A 431 10.08 37.76 3.65
C SER A 431 10.35 36.28 3.44
N ILE A 432 11.42 36.01 2.68
CA ILE A 432 11.86 34.64 2.43
C ILE A 432 13.26 34.45 3.02
N THR A 433 13.47 33.31 3.68
CA THR A 433 14.82 32.95 4.14
C THR A 433 15.32 31.87 3.21
N ASN A 434 16.46 32.12 2.59
CA ASN A 434 17.12 31.06 1.79
C ASN A 434 18.17 30.39 2.64
N LEU A 435 18.09 29.06 2.74
CA LEU A 435 19.12 28.27 3.41
C LEU A 435 20.03 27.69 2.34
N TRP A 436 21.31 28.10 2.37
CA TRP A 436 22.32 27.62 1.41
C TRP A 436 23.31 26.69 2.08
N LEU A 437 23.65 25.60 1.38
CA LEU A 437 24.67 24.71 1.90
C LEU A 437 25.69 24.47 0.79
N HIS A 438 26.94 24.80 1.10
CA HIS A 438 28.05 24.53 0.22
C HIS A 438 28.69 23.25 0.66
N GLU A 439 28.47 22.19 -0.12
CA GLU A 439 28.77 20.84 0.31
C GLU A 439 30.20 20.46 -0.06
N ALA A 440 30.85 19.70 0.83
CA ALA A 440 32.17 19.16 0.52
C ALA A 440 32.17 18.59 -0.88
N GLY A 441 33.21 18.92 -1.65
CA GLY A 441 33.36 18.37 -2.99
C GLY A 441 32.58 19.05 -4.10
N HIS A 442 31.78 20.05 -3.74
CA HIS A 442 31.05 20.83 -4.75
C HIS A 442 31.76 22.16 -4.98
N SER A 443 32.12 22.45 -6.23
CA SER A 443 32.79 23.74 -6.53
C SER A 443 31.85 24.92 -6.44
N SER A 444 30.58 24.69 -6.72
CA SER A 444 29.57 25.75 -6.69
C SER A 444 28.61 25.44 -5.54
N VAL A 445 27.83 26.44 -5.14
CA VAL A 445 26.89 26.24 -4.05
C VAL A 445 25.63 25.64 -4.65
N ASP A 446 25.37 24.37 -4.31
CA ASP A 446 24.39 23.60 -5.09
C ASP A 446 23.18 23.13 -4.27
N PHE A 447 23.09 23.51 -3.00
CA PHE A 447 21.95 23.08 -2.18
C PHE A 447 21.25 24.30 -1.63
N LEU A 448 19.93 24.32 -1.78
CA LEU A 448 19.14 25.49 -1.35
C LEU A 448 17.81 24.98 -0.86
N VAL A 449 17.38 25.44 0.33
CA VAL A 449 15.97 25.27 0.75
C VAL A 449 15.42 26.65 0.93
N ARG A 450 14.28 26.98 0.32
CA ARG A 450 13.73 28.31 0.52
C ARG A 450 12.62 28.19 1.57
N ILE A 451 12.54 29.20 2.44
CA ILE A 451 11.68 29.13 3.61
C ILE A 451 10.77 30.33 3.65
N VAL A 452 9.45 30.10 3.73
CA VAL A 452 8.55 31.24 3.81
C VAL A 452 8.43 31.60 5.29
N GLY A 453 9.32 32.46 5.72
CA GLY A 453 9.28 32.97 7.07
C GLY A 453 10.70 33.14 7.54
N GLN A 454 10.86 33.62 8.77
CA GLN A 454 12.20 33.73 9.33
C GLN A 454 12.67 32.40 9.93
N ALA A 455 13.98 32.26 10.07
CA ALA A 455 14.60 31.13 10.76
C ALA A 455 15.85 31.60 11.49
N ALA A 456 16.15 30.97 12.63
CA ALA A 456 17.32 31.33 13.44
C ALA A 456 18.39 30.28 13.18
N GLN A 457 19.64 30.68 13.34
CA GLN A 457 20.71 29.70 13.31
C GLN A 457 20.45 28.50 14.24
N SER A 458 19.89 28.76 15.41
CA SER A 458 19.66 27.64 16.36
C SER A 458 18.50 26.71 15.98
N ASP A 459 17.82 27.01 14.87
CA ASP A 459 16.75 26.15 14.38
C ASP A 459 17.31 25.16 13.38
N ILE A 460 18.59 25.33 13.04
CA ILE A 460 19.23 24.49 12.05
C ILE A 460 20.11 23.47 12.77
N ILE A 461 19.76 22.20 12.64
CA ILE A 461 20.52 21.17 13.29
C ILE A 461 21.67 20.69 12.42
N VAL A 462 22.91 21.01 12.81
CA VAL A 462 24.06 20.53 12.05
C VAL A 462 24.83 19.46 12.85
CA CA B . -4.62 9.18 -9.81
CA CA C . 0.46 9.99 -9.33
CA CA D . 0.89 15.17 12.72
CA CA E . 10.29 14.24 -3.14
CA CA F . 3.06 19.33 13.00
CA CA G . 5.30 23.38 13.21
ZN ZN H . -7.87 -20.27 -1.22
CA CA I . 13.37 17.40 -1.97
CL CL J . 13.81 10.08 -3.00
CL CL K . -21.22 -31.07 16.30
#